data_3H3D
#
_entry.id   3H3D
#
_cell.length_a   94.580
_cell.length_b   94.580
_cell.length_c   229.270
_cell.angle_alpha   90.000
_cell.angle_beta   90.000
_cell.angle_gamma   120.000
#
_symmetry.space_group_name_H-M   'P 63'
#
loop_
_entity.id
_entity.type
_entity.pdbx_description
1 polymer 'Maternal protein pumilio'
2 water water
#
_entity_poly.entity_id   1
_entity_poly.type   'polypeptide(L)'
_entity_poly.pdbx_seq_one_letter_code
;GSHMSRLLEDFRNQRYPNLQLRDLANHIVEFSQDQHGSRFIQQKLERATAAEKQMVFSEILAAAYSLMTDVFGNYVIQKF
FEFGTPEQKNTLGMQVKGHVLQLALQMYGCRVIQKALESISPEQQQEIVHELDGHVLKCVKDQNGNHVVQKCIECVDPVA
LQFIINAFKGQVYSLSTHPYGCRVIQRILEHCTAEQTTPILDELHEHTEQLIQDQYGNYVIQHVLEHGKQEDKSILINSV
RGKVLVLSQHKFASNVVEKCVTHATRGERTGLIDEVCTFNDNALHVMMKDQYANYVVQKMIDVSEPTQLKKLMTKIRKNM
AAL
;
_entity_poly.pdbx_strand_id   X,Y
#
# COMPACT_ATOMS: atom_id res chain seq x y z
N MET A 4 28.42 5.74 -61.41
CA MET A 4 29.30 6.23 -60.26
C MET A 4 30.54 6.88 -60.83
N SER A 5 30.72 8.19 -60.63
CA SER A 5 31.87 8.86 -61.21
C SER A 5 33.17 8.22 -60.70
N ARG A 6 34.26 8.41 -61.44
CA ARG A 6 35.63 7.98 -60.98
C ARG A 6 36.07 8.71 -59.70
N LEU A 7 36.00 10.03 -59.71
CA LEU A 7 36.25 10.82 -58.50
C LEU A 7 35.50 10.32 -57.24
N LEU A 8 34.26 9.81 -57.39
CA LEU A 8 33.58 9.35 -56.20
C LEU A 8 34.00 7.93 -55.84
N GLU A 9 34.16 7.09 -56.87
CA GLU A 9 34.74 5.75 -56.65
C GLU A 9 36.09 5.85 -55.96
N ASP A 10 36.97 6.72 -56.47
CA ASP A 10 38.28 6.82 -55.84
C ASP A 10 38.24 7.45 -54.48
N PHE A 11 37.37 8.45 -54.31
CA PHE A 11 37.16 8.96 -52.98
C PHE A 11 36.78 7.80 -52.06
N ARG A 12 35.86 6.97 -52.50
CA ARG A 12 35.34 5.90 -51.66
C ARG A 12 36.38 4.80 -51.43
N ASN A 13 37.24 4.57 -52.42
CA ASN A 13 38.37 3.64 -52.29
C ASN A 13 39.51 4.21 -51.44
N GLN A 14 39.32 5.43 -50.92
CA GLN A 14 40.27 6.14 -50.03
C GLN A 14 41.60 6.60 -50.67
N ARG A 15 41.45 6.90 -51.95
CA ARG A 15 42.48 7.53 -52.74
C ARG A 15 42.85 8.98 -52.31
N TYR A 16 41.91 9.79 -51.80
CA TYR A 16 42.23 11.18 -51.43
C TYR A 16 42.01 11.65 -49.98
N PRO A 17 42.96 11.32 -49.06
CA PRO A 17 43.02 11.70 -47.65
C PRO A 17 43.11 13.20 -47.38
N ASN A 18 43.42 13.99 -48.42
CA ASN A 18 43.56 15.47 -48.33
C ASN A 18 42.70 16.16 -49.40
N LEU A 19 41.75 15.42 -49.98
CA LEU A 19 40.68 16.00 -50.83
C LEU A 19 40.16 17.26 -50.18
N GLN A 20 39.82 18.24 -51.01
CA GLN A 20 39.33 19.53 -50.60
C GLN A 20 38.05 19.85 -51.35
N LEU A 21 37.26 20.74 -50.79
CA LEU A 21 35.97 21.03 -51.36
C LEU A 21 36.05 21.51 -52.79
N ARG A 22 37.11 22.27 -53.15
CA ARG A 22 37.38 22.70 -54.56
C ARG A 22 37.61 21.57 -55.57
N ASP A 23 37.99 20.37 -55.08
CA ASP A 23 38.25 19.25 -56.00
C ASP A 23 36.91 18.65 -56.51
N LEU A 24 35.82 19.03 -55.83
CA LEU A 24 34.53 18.44 -56.06
C LEU A 24 33.71 19.17 -57.03
N ALA A 25 34.26 20.23 -57.66
CA ALA A 25 33.51 21.00 -58.68
C ALA A 25 32.94 20.05 -59.67
N ASN A 26 31.67 20.31 -60.06
CA ASN A 26 30.86 19.47 -60.96
C ASN A 26 30.45 18.09 -60.35
N HIS A 27 30.86 17.82 -59.10
CA HIS A 27 30.56 16.52 -58.48
C HIS A 27 29.79 16.68 -57.18
N ILE A 28 29.33 17.91 -56.93
CA ILE A 28 28.78 18.23 -55.62
C ILE A 28 27.49 17.42 -55.35
N VAL A 29 26.56 17.38 -56.32
CA VAL A 29 25.32 16.68 -56.25
C VAL A 29 25.51 15.22 -56.02
N GLU A 30 26.51 14.60 -56.63
CA GLU A 30 26.64 13.17 -56.59
C GLU A 30 27.26 12.77 -55.30
N PHE A 31 28.11 13.64 -54.79
CA PHE A 31 28.79 13.38 -53.56
C PHE A 31 27.84 13.59 -52.42
N SER A 32 26.94 14.55 -52.57
CA SER A 32 25.92 14.80 -51.54
C SER A 32 24.99 13.63 -51.30
N GLN A 33 24.79 12.75 -52.29
CA GLN A 33 23.87 11.59 -52.20
C GLN A 33 24.58 10.32 -51.80
N ASP A 34 25.83 10.46 -51.46
CA ASP A 34 26.67 9.37 -51.09
C ASP A 34 26.91 9.48 -49.63
N GLN A 35 26.95 8.32 -48.96
CA GLN A 35 27.11 8.28 -47.54
C GLN A 35 28.33 9.02 -47.02
N HIS A 36 29.50 8.69 -47.54
CA HIS A 36 30.82 9.38 -47.25
C HIS A 36 30.98 10.72 -47.93
N GLY A 37 30.52 10.85 -49.18
CA GLY A 37 30.62 12.18 -49.85
C GLY A 37 29.94 13.28 -49.07
N SER A 38 28.69 13.03 -48.61
CA SER A 38 27.97 13.87 -47.62
C SER A 38 28.72 14.26 -46.39
N ARG A 39 29.19 13.32 -45.60
CA ARG A 39 29.90 13.71 -44.40
C ARG A 39 31.05 14.60 -44.80
N PHE A 40 31.77 14.21 -45.85
CA PHE A 40 32.89 14.99 -46.34
C PHE A 40 32.49 16.46 -46.53
N ILE A 41 31.47 16.77 -47.37
CA ILE A 41 31.00 18.14 -47.62
C ILE A 41 30.44 18.81 -46.37
N GLN A 42 29.78 18.01 -45.49
CA GLN A 42 29.24 18.56 -44.22
C GLN A 42 30.39 19.04 -43.37
N GLN A 43 31.43 18.19 -43.17
CA GLN A 43 32.66 18.59 -42.41
C GLN A 43 33.46 19.80 -43.04
N LYS A 44 33.65 19.83 -44.35
CA LYS A 44 34.27 20.90 -45.07
C LYS A 44 33.59 22.28 -45.14
N LEU A 45 32.26 22.31 -45.07
CA LEU A 45 31.49 23.59 -45.17
C LEU A 45 31.77 24.63 -44.10
N GLU A 46 31.96 24.26 -42.83
CA GLU A 46 32.21 25.28 -41.81
C GLU A 46 33.38 26.18 -42.20
N ARG A 47 34.50 25.56 -42.57
CA ARG A 47 35.71 26.28 -42.74
C ARG A 47 36.06 26.43 -44.23
N ALA A 48 35.04 26.33 -45.08
CA ALA A 48 35.23 26.49 -46.54
C ALA A 48 35.49 27.96 -47.01
N THR A 49 36.04 28.13 -48.21
CA THR A 49 36.22 29.48 -48.77
C THR A 49 34.89 30.08 -49.20
N ALA A 50 34.81 31.42 -49.38
CA ALA A 50 33.62 32.04 -50.00
C ALA A 50 33.39 31.41 -51.38
N ALA A 51 34.49 31.13 -52.06
CA ALA A 51 34.44 30.48 -53.39
C ALA A 51 34.00 29.00 -53.40
N GLU A 52 34.48 28.17 -52.44
CA GLU A 52 33.95 26.79 -52.32
C GLU A 52 32.48 26.77 -52.02
N LYS A 53 32.07 27.71 -51.17
CA LYS A 53 30.67 27.88 -50.70
C LYS A 53 29.71 28.29 -51.81
N GLN A 54 30.10 29.30 -52.58
CA GLN A 54 29.35 29.69 -53.72
C GLN A 54 29.26 28.56 -54.78
N MET A 55 30.35 27.83 -54.98
CA MET A 55 30.37 26.72 -55.94
C MET A 55 29.43 25.54 -55.51
N VAL A 56 29.57 25.05 -54.28
CA VAL A 56 28.63 24.08 -53.68
C VAL A 56 27.17 24.50 -53.82
N PHE A 57 26.91 25.71 -53.39
CA PHE A 57 25.61 26.29 -53.46
C PHE A 57 25.05 26.28 -54.81
N SER A 58 25.76 26.83 -55.75
CA SER A 58 25.30 26.87 -57.15
C SER A 58 24.99 25.46 -57.80
N GLU A 59 25.83 24.51 -57.45
CA GLU A 59 25.66 23.11 -57.85
C GLU A 59 24.42 22.48 -57.15
N ILE A 60 24.26 22.80 -55.86
CA ILE A 60 23.11 22.29 -55.11
C ILE A 60 21.80 22.94 -55.50
N LEU A 61 21.88 24.24 -55.77
CA LEU A 61 20.74 24.96 -56.24
C LEU A 61 20.17 24.31 -57.50
N ALA A 62 21.01 23.84 -58.43
CA ALA A 62 20.59 23.06 -59.58
C ALA A 62 19.83 21.71 -59.36
N ALA A 63 20.04 20.99 -58.27
CA ALA A 63 19.30 19.76 -58.02
C ALA A 63 18.63 19.83 -56.62
N ALA A 64 18.09 20.97 -56.21
CA ALA A 64 17.66 21.17 -54.85
C ALA A 64 16.61 20.12 -54.30
N TYR A 65 15.53 19.96 -55.02
CA TYR A 65 14.46 19.11 -54.61
C TYR A 65 14.96 17.69 -54.39
N SER A 66 15.76 17.19 -55.35
CA SER A 66 16.31 15.88 -55.19
C SER A 66 17.30 15.67 -54.03
N LEU A 67 18.06 16.71 -53.64
CA LEU A 67 18.95 16.60 -52.48
C LEU A 67 18.17 16.76 -51.19
N MET A 68 17.19 17.66 -51.23
CA MET A 68 16.33 17.86 -50.08
C MET A 68 15.48 16.66 -49.69
N THR A 69 15.25 15.75 -50.59
CA THR A 69 14.43 14.61 -50.35
C THR A 69 15.33 13.38 -50.28
N ASP A 70 16.67 13.60 -50.16
CA ASP A 70 17.60 12.47 -50.21
C ASP A 70 18.10 12.12 -48.81
N VAL A 71 18.33 10.85 -48.49
CA VAL A 71 18.79 10.42 -47.16
C VAL A 71 20.05 11.11 -46.67
N PHE A 72 20.96 11.34 -47.62
CA PHE A 72 22.27 11.96 -47.36
C PHE A 72 22.28 13.35 -47.87
N GLY A 73 21.69 13.61 -49.07
CA GLY A 73 21.67 14.98 -49.52
C GLY A 73 21.09 15.99 -48.57
N ASN A 74 20.03 15.67 -47.83
CA ASN A 74 19.40 16.62 -46.88
C ASN A 74 20.39 17.28 -45.88
N TYR A 75 21.44 16.59 -45.53
CA TYR A 75 22.38 17.08 -44.53
C TYR A 75 23.27 18.10 -45.11
N VAL A 76 23.53 18.02 -46.43
CA VAL A 76 24.29 19.08 -47.14
C VAL A 76 23.46 20.31 -47.25
N ILE A 77 22.21 20.14 -47.61
CA ILE A 77 21.26 21.27 -47.66
C ILE A 77 21.23 21.95 -46.27
N GLN A 78 21.07 21.19 -45.23
CA GLN A 78 20.98 21.70 -43.88
C GLN A 78 22.26 22.41 -43.43
N LYS A 79 23.39 21.78 -43.61
CA LYS A 79 24.65 22.44 -43.41
C LYS A 79 24.75 23.80 -44.12
N PHE A 80 24.16 23.86 -45.28
CA PHE A 80 24.21 25.05 -46.05
C PHE A 80 23.28 26.11 -45.44
N PHE A 81 22.19 25.67 -44.82
CA PHE A 81 21.36 26.62 -44.08
C PHE A 81 22.08 27.20 -42.89
N GLU A 82 23.07 26.50 -42.37
CA GLU A 82 23.83 27.02 -41.21
C GLU A 82 24.85 28.08 -41.62
N PHE A 83 25.65 27.78 -42.60
CA PHE A 83 26.86 28.50 -43.00
C PHE A 83 26.70 29.33 -44.23
N GLY A 84 25.63 29.15 -44.97
CA GLY A 84 25.47 29.93 -46.17
C GLY A 84 25.43 31.38 -45.79
N THR A 85 25.40 32.22 -46.81
CA THR A 85 25.22 33.63 -46.71
C THR A 85 23.75 33.97 -46.60
N PRO A 86 23.39 35.15 -46.07
CA PRO A 86 21.97 35.62 -46.22
C PRO A 86 21.28 35.44 -47.61
N GLU A 87 21.94 35.78 -48.71
CA GLU A 87 21.28 35.68 -49.99
C GLU A 87 21.15 34.20 -50.53
N GLN A 88 22.14 33.39 -50.21
CA GLN A 88 22.17 31.94 -50.45
C GLN A 88 21.08 31.15 -49.66
N LYS A 89 21.00 31.42 -48.36
CA LYS A 89 19.94 30.93 -47.47
C LYS A 89 18.58 31.20 -48.05
N ASN A 90 18.40 32.42 -48.50
CA ASN A 90 17.14 32.87 -49.04
C ASN A 90 16.85 32.38 -50.40
N THR A 91 17.89 32.13 -51.20
CA THR A 91 17.62 31.59 -52.52
C THR A 91 17.16 30.14 -52.32
N LEU A 92 17.77 29.45 -51.32
CA LEU A 92 17.56 28.06 -51.06
C LEU A 92 16.20 27.90 -50.42
N GLY A 93 15.92 28.79 -49.48
CA GLY A 93 14.61 29.07 -49.03
C GLY A 93 13.50 29.17 -50.05
N MET A 94 13.71 29.77 -51.23
CA MET A 94 12.67 29.79 -52.31
C MET A 94 12.36 28.44 -52.94
N GLN A 95 13.38 27.61 -53.03
CA GLN A 95 13.22 26.22 -53.34
C GLN A 95 12.37 25.47 -52.29
N VAL A 96 12.63 25.70 -51.00
CA VAL A 96 11.91 24.96 -49.95
C VAL A 96 10.49 25.40 -50.11
N LYS A 97 10.25 26.71 -50.17
CA LYS A 97 8.94 27.27 -50.41
C LYS A 97 8.14 26.76 -51.62
N GLY A 98 8.83 26.48 -52.72
CA GLY A 98 8.14 26.12 -53.93
C GLY A 98 7.69 24.67 -53.86
N HIS A 99 8.30 23.91 -52.97
CA HIS A 99 8.04 22.50 -52.89
C HIS A 99 7.48 22.11 -51.54
N VAL A 100 6.92 23.03 -50.72
CA VAL A 100 6.55 22.71 -49.32
C VAL A 100 5.57 21.50 -49.18
N LEU A 101 4.61 21.41 -50.10
CA LEU A 101 3.62 20.39 -50.15
C LEU A 101 4.16 19.01 -50.37
N GLN A 102 5.09 18.82 -51.25
CA GLN A 102 5.83 17.60 -51.19
C GLN A 102 6.93 17.82 -50.13
N LEU A 103 7.69 16.90 -49.68
CA LEU A 103 8.75 17.57 -48.76
C LEU A 103 8.16 17.59 -47.41
N ALA A 104 7.13 18.41 -47.17
CA ALA A 104 6.40 18.39 -45.85
C ALA A 104 5.90 16.97 -45.48
N LEU A 105 5.52 16.24 -46.49
CA LEU A 105 5.08 14.91 -46.34
C LEU A 105 6.20 13.89 -46.47
N GLN A 106 7.47 14.27 -46.41
CA GLN A 106 8.50 13.29 -46.79
C GLN A 106 9.50 13.32 -45.63
N MET A 107 10.17 12.24 -45.27
CA MET A 107 11.13 12.25 -44.14
C MET A 107 12.29 13.28 -44.22
N TYR A 108 12.94 13.45 -45.37
CA TYR A 108 14.16 14.33 -45.45
C TYR A 108 13.69 15.73 -45.73
N GLY A 109 12.63 15.85 -46.55
CA GLY A 109 11.87 17.13 -46.63
C GLY A 109 11.33 17.75 -45.33
N CYS A 110 10.77 16.99 -44.32
CA CYS A 110 10.43 17.38 -42.83
C CYS A 110 11.68 18.07 -42.45
N ARG A 111 12.83 17.44 -42.52
CA ARG A 111 14.07 18.04 -41.96
C ARG A 111 14.56 19.31 -42.57
N VAL A 112 14.58 19.40 -43.90
CA VAL A 112 14.91 20.67 -44.64
C VAL A 112 14.00 21.82 -44.29
N ILE A 113 12.71 21.58 -44.22
CA ILE A 113 11.74 22.68 -43.89
C ILE A 113 12.02 23.19 -42.53
N GLN A 114 12.28 22.27 -41.60
CA GLN A 114 12.46 22.68 -40.17
C GLN A 114 13.78 23.48 -40.04
N LYS A 115 14.87 22.99 -40.64
CA LYS A 115 16.13 23.71 -40.77
C LYS A 115 16.01 25.11 -41.46
N ALA A 116 15.20 25.19 -42.52
CA ALA A 116 14.93 26.44 -43.27
C ALA A 116 14.17 27.53 -42.44
N LEU A 117 13.15 27.12 -41.68
CA LEU A 117 12.44 28.02 -40.77
C LEU A 117 13.38 28.60 -39.75
N GLU A 118 14.47 27.95 -39.40
CA GLU A 118 15.29 28.53 -38.37
C GLU A 118 16.53 29.23 -38.94
N SER A 119 16.53 29.40 -40.25
CA SER A 119 17.75 29.80 -40.96
C SER A 119 17.48 30.97 -41.83
N ILE A 120 16.24 31.26 -42.12
CA ILE A 120 15.93 32.35 -43.08
C ILE A 120 15.31 33.56 -42.34
N SER A 121 15.14 34.66 -43.07
CA SER A 121 14.68 35.91 -42.46
C SER A 121 13.22 35.68 -42.07
N PRO A 122 12.60 36.63 -41.39
CA PRO A 122 11.16 36.51 -41.04
C PRO A 122 10.10 36.60 -42.14
N GLU A 123 10.25 37.48 -43.12
CA GLU A 123 9.30 37.49 -44.25
C GLU A 123 9.15 36.12 -44.88
N GLN A 124 10.27 35.43 -44.99
CA GLN A 124 10.38 34.22 -45.74
C GLN A 124 9.92 33.02 -44.91
N GLN A 125 10.05 33.10 -43.58
CA GLN A 125 9.43 32.12 -42.67
C GLN A 125 7.91 32.16 -42.83
N GLN A 126 7.33 33.36 -42.85
CA GLN A 126 5.89 33.48 -42.96
C GLN A 126 5.45 33.02 -44.29
N GLU A 127 6.27 33.31 -45.30
CA GLU A 127 5.99 32.96 -46.67
C GLU A 127 5.90 31.47 -46.93
N ILE A 128 6.76 30.68 -46.27
CA ILE A 128 6.65 29.21 -46.24
C ILE A 128 5.40 28.63 -45.47
N VAL A 129 5.19 29.15 -44.24
CA VAL A 129 4.15 28.69 -43.33
C VAL A 129 2.83 28.98 -44.04
N HIS A 130 2.77 30.06 -44.81
CA HIS A 130 1.54 30.44 -45.43
C HIS A 130 1.26 29.63 -46.72
N GLU A 131 2.26 28.90 -47.22
CA GLU A 131 2.07 27.96 -48.32
C GLU A 131 1.21 26.75 -47.90
N LEU A 132 0.93 26.65 -46.59
CA LEU A 132 0.16 25.50 -46.13
C LEU A 132 -1.34 25.80 -46.07
N ASP A 133 -1.72 27.09 -45.96
CA ASP A 133 -3.11 27.60 -46.16
C ASP A 133 -3.73 26.81 -47.27
N GLY A 134 -4.84 26.13 -46.95
CA GLY A 134 -5.60 25.29 -47.90
C GLY A 134 -5.28 23.83 -47.81
N HIS A 135 -4.18 23.58 -47.17
CA HIS A 135 -3.60 22.23 -47.10
C HIS A 135 -3.31 21.75 -45.64
N VAL A 136 -3.81 22.46 -44.63
CA VAL A 136 -3.50 22.21 -43.23
C VAL A 136 -3.76 20.84 -42.72
N LEU A 137 -4.93 20.30 -42.94
CA LEU A 137 -5.36 19.09 -42.24
C LEU A 137 -4.58 17.85 -42.68
N LYS A 138 -4.34 17.74 -43.96
CA LYS A 138 -3.54 16.62 -44.46
C LYS A 138 -2.11 16.53 -43.91
N CYS A 139 -1.43 17.66 -43.79
CA CYS A 139 -0.14 17.44 -43.18
C CYS A 139 -0.20 17.40 -41.67
N VAL A 140 -1.18 18.00 -40.96
CA VAL A 140 -1.29 17.86 -39.50
C VAL A 140 -1.44 16.36 -39.15
N LYS A 141 -2.20 15.64 -39.99
CA LYS A 141 -2.41 14.23 -39.86
C LYS A 141 -1.31 13.29 -40.48
N ASP A 142 -0.27 13.89 -41.07
CA ASP A 142 0.80 13.11 -41.63
C ASP A 142 1.94 12.82 -40.61
N GLN A 143 2.57 11.66 -40.77
CA GLN A 143 3.65 11.24 -39.90
C GLN A 143 4.84 12.24 -39.97
N ASN A 144 4.97 12.93 -41.13
CA ASN A 144 6.07 13.91 -41.24
C ASN A 144 5.48 15.29 -41.10
N GLY A 145 4.34 15.46 -41.79
CA GLY A 145 3.69 16.75 -41.94
C GLY A 145 3.37 17.40 -40.61
N ASN A 146 3.06 16.63 -39.58
CA ASN A 146 2.72 17.22 -38.28
C ASN A 146 3.92 17.92 -37.64
N HIS A 147 5.11 17.38 -37.87
CA HIS A 147 6.32 18.01 -37.33
C HIS A 147 6.56 19.32 -37.99
N VAL A 148 6.46 19.35 -39.33
CA VAL A 148 6.45 20.67 -39.97
C VAL A 148 5.46 21.69 -39.46
N VAL A 149 4.18 21.30 -39.23
CA VAL A 149 3.14 22.22 -38.73
C VAL A 149 3.52 22.69 -37.28
N GLN A 150 4.10 21.83 -36.46
CA GLN A 150 4.57 22.27 -35.12
C GLN A 150 5.69 23.30 -35.17
N LYS A 151 6.73 22.99 -35.96
CA LYS A 151 7.76 23.92 -36.31
C LYS A 151 7.23 25.24 -36.84
N CYS A 152 6.30 25.22 -37.76
CA CYS A 152 5.76 26.48 -38.25
C CYS A 152 5.13 27.21 -37.10
N ILE A 153 4.42 26.49 -36.24
CA ILE A 153 3.66 27.08 -35.08
C ILE A 153 4.64 27.70 -34.12
N GLU A 154 5.78 27.04 -33.98
CA GLU A 154 6.84 27.49 -33.08
C GLU A 154 7.56 28.74 -33.52
N CYS A 155 7.69 28.90 -34.83
CA CYS A 155 8.55 29.89 -35.44
C CYS A 155 7.42 30.80 -35.91
N VAL A 156 7.57 32.06 -36.24
CA VAL A 156 6.31 32.72 -36.76
C VAL A 156 5.24 33.24 -35.73
N ASP A 157 4.77 34.47 -35.99
CA ASP A 157 3.95 35.23 -35.05
C ASP A 157 2.48 34.70 -34.93
N PRO A 158 1.96 34.49 -33.68
CA PRO A 158 0.55 33.91 -33.51
C PRO A 158 -0.45 34.57 -34.46
N VAL A 159 -0.39 35.90 -34.53
CA VAL A 159 -1.12 36.67 -35.56
C VAL A 159 -1.10 35.94 -36.89
N ALA A 160 0.05 35.38 -37.29
CA ALA A 160 0.20 34.61 -38.54
C ALA A 160 -0.39 33.13 -38.57
N LEU A 161 -0.89 32.66 -37.43
CA LEU A 161 -1.35 31.27 -37.26
C LEU A 161 -2.89 31.12 -37.18
N GLN A 162 -3.59 32.13 -37.66
CA GLN A 162 -5.06 32.19 -37.76
C GLN A 162 -5.66 31.19 -38.72
N PHE A 163 -5.03 31.03 -39.84
CA PHE A 163 -5.60 30.18 -40.85
C PHE A 163 -5.61 28.75 -40.30
N ILE A 164 -4.68 28.46 -39.39
CA ILE A 164 -4.61 27.18 -38.71
C ILE A 164 -5.71 26.97 -37.66
N ILE A 165 -5.93 27.95 -36.78
CA ILE A 165 -7.03 27.87 -35.86
C ILE A 165 -8.26 27.61 -36.76
N ASN A 166 -8.36 28.34 -37.88
CA ASN A 166 -9.50 28.24 -38.78
C ASN A 166 -9.71 26.93 -39.41
N ALA A 167 -8.65 26.23 -39.89
CA ALA A 167 -8.79 24.86 -40.39
C ALA A 167 -9.15 23.90 -39.25
N PHE A 168 -8.81 24.24 -38.03
CA PHE A 168 -9.14 23.33 -36.93
C PHE A 168 -10.61 23.43 -36.49
N LYS A 169 -11.34 24.50 -36.90
CA LYS A 169 -12.71 24.67 -36.53
C LYS A 169 -13.61 23.57 -36.97
N GLY A 170 -14.35 22.91 -36.02
CA GLY A 170 -15.18 21.81 -36.44
C GLY A 170 -14.36 20.54 -36.57
N GLN A 171 -13.04 20.63 -36.31
CA GLN A 171 -12.16 19.49 -36.52
C GLN A 171 -11.40 19.11 -35.27
N VAL A 172 -11.63 19.75 -34.10
CA VAL A 172 -10.74 19.65 -32.97
C VAL A 172 -10.77 18.20 -32.30
N TYR A 173 -12.01 17.61 -32.14
CA TYR A 173 -12.20 16.22 -31.68
C TYR A 173 -11.58 15.19 -32.58
N SER A 174 -11.85 15.24 -33.90
CA SER A 174 -11.12 14.42 -34.89
C SER A 174 -9.59 14.57 -34.88
N LEU A 175 -9.11 15.77 -34.73
CA LEU A 175 -7.64 16.02 -34.53
C LEU A 175 -7.09 15.54 -33.17
N SER A 176 -7.75 15.86 -32.07
CA SER A 176 -7.29 15.57 -30.68
C SER A 176 -7.33 14.05 -30.41
N THR A 177 -8.09 13.36 -31.21
CA THR A 177 -8.21 11.90 -31.20
C THR A 177 -7.32 11.13 -32.24
N HIS A 178 -6.34 11.82 -32.82
CA HIS A 178 -5.58 11.31 -33.94
C HIS A 178 -4.18 11.37 -33.35
N PRO A 179 -3.36 10.31 -33.58
CA PRO A 179 -1.99 10.27 -32.99
C PRO A 179 -1.03 11.41 -33.40
N TYR A 180 -1.15 11.97 -34.60
CA TYR A 180 -0.36 13.09 -35.16
C TYR A 180 -1.11 14.40 -34.93
N GLY A 181 -2.41 14.43 -35.27
CA GLY A 181 -3.24 15.61 -34.99
C GLY A 181 -3.18 16.16 -33.59
N CYS A 182 -3.35 15.32 -32.57
CA CYS A 182 -3.16 15.76 -31.21
C CYS A 182 -1.67 15.98 -31.24
N ARG A 183 -1.10 16.90 -30.50
CA ARG A 183 0.37 17.21 -30.89
C ARG A 183 0.44 18.50 -31.58
N VAL A 184 -0.25 18.63 -32.70
CA VAL A 184 -0.48 19.92 -33.27
C VAL A 184 -1.49 20.77 -32.45
N ILE A 185 -2.55 20.13 -31.94
CA ILE A 185 -3.45 20.78 -30.98
C ILE A 185 -2.65 21.25 -29.80
N GLN A 186 -1.77 20.42 -29.28
CA GLN A 186 -1.14 20.72 -28.00
C GLN A 186 -0.19 21.95 -28.31
N ARG A 187 0.52 21.94 -29.44
CA ARG A 187 1.39 23.10 -29.87
C ARG A 187 0.68 24.42 -30.02
N ILE A 188 -0.47 24.37 -30.68
CA ILE A 188 -1.27 25.53 -30.87
C ILE A 188 -1.67 26.15 -29.55
N LEU A 189 -2.05 25.29 -28.61
CA LEU A 189 -2.37 25.75 -27.26
C LEU A 189 -1.23 26.46 -26.56
N GLU A 190 0.01 25.97 -26.74
CA GLU A 190 1.09 26.69 -26.14
C GLU A 190 1.54 27.97 -26.91
N HIS A 191 1.32 28.15 -28.22
CA HIS A 191 1.92 29.28 -28.83
C HIS A 191 0.93 30.39 -29.15
N CYS A 192 -0.33 30.04 -29.38
CA CYS A 192 -1.36 31.10 -29.62
C CYS A 192 -1.91 31.50 -28.26
N THR A 193 -2.38 32.72 -28.14
CA THR A 193 -2.84 33.24 -26.88
C THR A 193 -4.15 32.54 -26.49
N ALA A 194 -4.59 32.67 -25.23
CA ALA A 194 -5.83 31.98 -24.74
C ALA A 194 -7.05 32.41 -25.50
N GLU A 195 -7.06 33.66 -25.93
CA GLU A 195 -8.14 34.17 -26.72
C GLU A 195 -8.15 33.84 -28.24
N GLN A 196 -7.00 33.64 -28.85
CA GLN A 196 -6.98 33.12 -30.25
C GLN A 196 -7.52 31.67 -30.30
N THR A 197 -7.25 30.92 -29.25
CA THR A 197 -7.48 29.48 -29.26
C THR A 197 -8.80 29.14 -28.59
N THR A 198 -9.53 30.15 -28.09
CA THR A 198 -10.92 29.97 -27.64
C THR A 198 -11.77 28.95 -28.53
N PRO A 199 -11.86 29.10 -29.88
CA PRO A 199 -12.52 28.03 -30.66
C PRO A 199 -11.96 26.61 -30.44
N ILE A 200 -10.69 26.44 -30.18
CA ILE A 200 -10.19 25.10 -29.81
C ILE A 200 -10.80 24.70 -28.49
N LEU A 201 -10.66 25.53 -27.48
CA LEU A 201 -11.23 25.23 -26.16
C LEU A 201 -12.71 24.98 -26.15
N ASP A 202 -13.46 25.68 -27.00
CA ASP A 202 -14.88 25.46 -27.16
C ASP A 202 -15.12 24.00 -27.50
N GLU A 203 -14.38 23.47 -28.46
CA GLU A 203 -14.60 22.07 -28.87
C GLU A 203 -14.04 21.07 -27.87
N LEU A 204 -12.92 21.41 -27.27
CA LEU A 204 -12.38 20.58 -26.15
C LEU A 204 -13.33 20.45 -24.98
N HIS A 205 -14.01 21.52 -24.51
CA HIS A 205 -15.03 21.44 -23.43
C HIS A 205 -16.27 20.69 -23.84
N GLU A 206 -16.81 21.01 -25.03
CA GLU A 206 -17.93 20.27 -25.69
C GLU A 206 -17.78 18.72 -25.61
N HIS A 207 -16.55 18.22 -25.76
CA HIS A 207 -16.25 16.80 -25.86
C HIS A 207 -15.37 16.31 -24.66
N THR A 208 -15.31 17.02 -23.55
CA THR A 208 -14.50 16.59 -22.44
C THR A 208 -15.07 15.39 -21.89
N GLU A 209 -14.53 14.24 -22.08
CA GLU A 209 -15.42 13.11 -21.59
C GLU A 209 -15.33 12.00 -22.56
N GLN A 210 -15.59 12.30 -23.82
CA GLN A 210 -15.25 11.42 -24.88
C GLN A 210 -13.70 11.51 -24.91
N LEU A 211 -13.18 12.70 -24.66
CA LEU A 211 -11.77 13.01 -24.85
C LEU A 211 -10.82 12.50 -23.73
N ILE A 212 -11.24 12.62 -22.46
CA ILE A 212 -10.47 12.03 -21.37
C ILE A 212 -10.33 10.45 -21.48
N GLN A 213 -11.28 9.79 -22.11
CA GLN A 213 -11.25 8.33 -22.40
C GLN A 213 -10.56 7.89 -23.68
N ASP A 214 -9.95 8.82 -24.44
CA ASP A 214 -9.32 8.46 -25.72
C ASP A 214 -7.83 8.35 -25.49
N GLN A 215 -7.19 7.37 -26.15
CA GLN A 215 -5.79 7.11 -25.96
C GLN A 215 -4.95 8.33 -26.24
N TYR A 216 -5.29 9.09 -27.31
CA TYR A 216 -4.60 10.36 -27.55
C TYR A 216 -5.71 11.22 -27.20
N GLY A 217 -5.54 12.37 -26.64
CA GLY A 217 -6.94 12.93 -26.43
C GLY A 217 -7.06 13.29 -25.01
N ASN A 218 -6.90 12.26 -24.18
CA ASN A 218 -6.69 12.40 -22.74
C ASN A 218 -5.44 13.29 -22.57
N TYR A 219 -4.45 13.14 -23.49
CA TYR A 219 -3.18 13.94 -23.49
C TYR A 219 -3.39 15.38 -23.72
N VAL A 220 -4.24 15.73 -24.68
CA VAL A 220 -4.69 17.09 -24.90
C VAL A 220 -5.44 17.63 -23.67
N ILE A 221 -6.44 16.95 -23.15
CA ILE A 221 -7.04 17.34 -21.85
C ILE A 221 -6.01 17.51 -20.66
N GLN A 222 -4.98 16.65 -20.53
CA GLN A 222 -3.90 16.89 -19.54
C GLN A 222 -3.07 18.15 -19.76
N HIS A 223 -2.61 18.39 -20.97
CA HIS A 223 -1.99 19.68 -21.28
C HIS A 223 -2.77 20.97 -20.87
N VAL A 224 -4.07 21.04 -21.15
CA VAL A 224 -4.85 22.18 -20.68
C VAL A 224 -4.84 22.21 -19.15
N LEU A 225 -5.03 21.05 -18.50
CA LEU A 225 -4.86 21.02 -17.04
C LEU A 225 -3.48 21.51 -16.50
N GLU A 226 -2.39 21.16 -17.14
CA GLU A 226 -1.13 21.68 -16.64
C GLU A 226 -0.67 23.03 -17.15
N HIS A 227 -1.40 23.66 -18.09
CA HIS A 227 -0.91 24.91 -18.70
C HIS A 227 -2.05 25.89 -19.07
N GLY A 228 -3.29 25.43 -19.15
CA GLY A 228 -4.36 26.33 -19.57
C GLY A 228 -4.71 27.42 -18.54
N LYS A 229 -5.78 28.15 -18.80
CA LYS A 229 -6.29 29.18 -17.91
C LYS A 229 -7.01 28.48 -16.81
N GLN A 230 -6.99 29.16 -15.65
CA GLN A 230 -7.64 28.73 -14.45
C GLN A 230 -9.04 28.35 -14.72
N GLU A 231 -9.68 29.18 -15.51
CA GLU A 231 -11.11 29.01 -15.76
C GLU A 231 -11.36 27.71 -16.59
N ASP A 232 -10.46 27.47 -17.55
CA ASP A 232 -10.52 26.28 -18.32
C ASP A 232 -10.27 25.05 -17.44
N LYS A 233 -9.17 25.07 -16.66
CA LYS A 233 -8.83 24.07 -15.56
C LYS A 233 -10.07 23.77 -14.69
N SER A 234 -10.81 24.80 -14.29
CA SER A 234 -12.00 24.61 -13.42
C SER A 234 -13.24 24.06 -14.06
N ILE A 235 -13.56 24.48 -15.29
CA ILE A 235 -14.67 23.88 -15.98
C ILE A 235 -14.36 22.41 -16.11
N LEU A 236 -13.12 22.10 -16.42
CA LEU A 236 -12.63 20.74 -16.57
C LEU A 236 -12.78 19.90 -15.26
N ILE A 237 -12.25 20.43 -14.16
CA ILE A 237 -12.13 19.70 -12.88
C ILE A 237 -13.49 19.45 -12.40
N ASN A 238 -14.24 20.53 -12.38
CA ASN A 238 -15.66 20.54 -12.23
C ASN A 238 -16.47 19.57 -13.10
N SER A 239 -15.91 19.16 -14.23
CA SER A 239 -16.51 18.12 -15.06
C SER A 239 -16.21 16.69 -14.52
N VAL A 240 -15.17 16.55 -13.70
CA VAL A 240 -14.72 15.28 -13.20
C VAL A 240 -15.43 14.95 -11.85
N ARG A 241 -15.85 16.02 -11.14
CA ARG A 241 -16.60 15.93 -9.89
C ARG A 241 -17.82 15.07 -10.06
N GLY A 242 -17.92 14.06 -9.18
CA GLY A 242 -19.08 13.18 -9.14
C GLY A 242 -18.84 11.87 -9.85
N LYS A 243 -17.72 11.79 -10.58
CA LYS A 243 -17.37 10.58 -11.35
C LYS A 243 -16.00 9.94 -11.03
N VAL A 244 -15.27 10.48 -10.05
CA VAL A 244 -13.90 10.10 -9.74
C VAL A 244 -13.69 8.59 -9.60
N LEU A 245 -14.67 7.90 -9.01
CA LEU A 245 -14.61 6.44 -8.93
C LEU A 245 -14.53 5.82 -10.33
N VAL A 246 -15.54 6.06 -11.16
CA VAL A 246 -15.59 5.50 -12.52
C VAL A 246 -14.38 5.95 -13.36
N LEU A 247 -14.12 7.24 -13.39
CA LEU A 247 -13.03 7.72 -14.21
C LEU A 247 -11.68 7.19 -13.75
N SER A 248 -11.50 6.98 -12.44
CA SER A 248 -10.23 6.49 -11.90
C SER A 248 -9.86 5.05 -12.31
N GLN A 249 -10.86 4.28 -12.72
CA GLN A 249 -10.66 2.91 -13.24
C GLN A 249 -10.57 2.86 -14.77
N HIS A 250 -10.62 4.03 -15.41
CA HIS A 250 -10.36 4.05 -16.84
C HIS A 250 -8.85 4.12 -17.18
N LYS A 251 -8.36 3.25 -18.07
CA LYS A 251 -7.00 3.30 -18.54
C LYS A 251 -6.45 4.71 -18.94
N PHE A 252 -7.28 5.50 -19.59
CA PHE A 252 -6.87 6.84 -20.01
C PHE A 252 -7.51 7.90 -19.15
N ALA A 253 -8.75 7.77 -18.75
CA ALA A 253 -9.31 8.84 -17.93
C ALA A 253 -8.59 9.00 -16.59
N SER A 254 -8.09 7.91 -16.03
CA SER A 254 -7.28 7.96 -14.75
C SER A 254 -6.07 8.94 -14.80
N ASN A 255 -5.47 9.00 -16.00
CA ASN A 255 -4.45 9.99 -16.38
C ASN A 255 -4.87 11.41 -16.12
N VAL A 256 -6.13 11.67 -16.47
CA VAL A 256 -6.74 13.00 -16.31
C VAL A 256 -7.20 13.27 -14.84
N VAL A 257 -7.74 12.28 -14.14
CA VAL A 257 -8.11 12.46 -12.70
C VAL A 257 -6.83 12.84 -11.87
N GLU A 258 -5.76 12.09 -12.12
CA GLU A 258 -4.43 12.38 -11.51
C GLU A 258 -4.02 13.82 -11.65
N LYS A 259 -4.20 14.34 -12.90
CA LYS A 259 -3.84 15.71 -13.23
C LYS A 259 -4.74 16.72 -12.60
N CYS A 260 -6.02 16.45 -12.60
CA CYS A 260 -6.97 17.19 -11.83
C CYS A 260 -6.56 17.39 -10.39
N VAL A 261 -6.10 16.34 -9.69
CA VAL A 261 -5.74 16.52 -8.26
C VAL A 261 -4.46 17.28 -8.09
N THR A 262 -3.48 17.00 -8.95
CA THR A 262 -2.26 17.77 -8.95
C THR A 262 -2.50 19.23 -9.19
N HIS A 263 -3.32 19.57 -10.21
CA HIS A 263 -3.34 20.97 -10.67
C HIS A 263 -4.56 21.68 -10.28
N ALA A 264 -5.44 20.97 -9.57
CA ALA A 264 -6.59 21.60 -8.94
C ALA A 264 -6.10 22.71 -7.99
N THR A 265 -7.04 23.53 -7.57
CA THR A 265 -6.80 24.62 -6.67
C THR A 265 -7.00 23.98 -5.25
N ARG A 266 -6.36 24.55 -4.22
CA ARG A 266 -6.63 24.15 -2.83
C ARG A 266 -8.12 23.87 -2.64
N GLY A 267 -8.97 24.84 -2.95
CA GLY A 267 -10.39 24.61 -2.80
C GLY A 267 -10.88 23.41 -3.55
N GLU A 268 -10.40 23.21 -4.77
CA GLU A 268 -10.87 22.08 -5.60
C GLU A 268 -10.26 20.74 -5.24
N ARG A 269 -8.98 20.75 -4.84
CA ARG A 269 -8.29 19.55 -4.32
C ARG A 269 -9.00 18.89 -3.11
N THR A 270 -9.48 19.69 -2.16
CA THR A 270 -10.31 19.19 -1.04
C THR A 270 -11.63 18.55 -1.46
N GLY A 271 -12.26 19.00 -2.54
CA GLY A 271 -13.53 18.41 -2.96
C GLY A 271 -13.30 17.10 -3.69
N LEU A 272 -12.19 17.05 -4.40
CA LEU A 272 -11.79 15.82 -5.12
C LEU A 272 -11.42 14.74 -4.10
N ILE A 273 -10.46 15.04 -3.21
CA ILE A 273 -10.01 14.10 -2.15
C ILE A 273 -11.19 13.73 -1.23
N ASP A 274 -11.98 14.74 -0.87
CA ASP A 274 -13.17 14.53 -0.07
C ASP A 274 -14.23 13.59 -0.65
N GLU A 275 -14.35 13.52 -1.98
CA GLU A 275 -15.20 12.54 -2.65
C GLU A 275 -14.68 11.12 -2.37
N VAL A 276 -13.38 11.02 -2.23
CA VAL A 276 -12.78 9.80 -1.75
C VAL A 276 -13.12 9.50 -0.23
N CYS A 277 -12.82 10.38 0.76
CA CYS A 277 -13.12 10.06 2.23
C CYS A 277 -14.55 9.57 2.50
N THR A 278 -15.38 9.48 1.44
CA THR A 278 -16.72 8.83 1.46
C THR A 278 -16.75 7.44 0.72
N PHE A 279 -17.52 6.47 1.26
CA PHE A 279 -17.87 5.13 0.62
C PHE A 279 -16.93 3.93 0.90
N ASN A 280 -17.48 2.71 0.96
CA ASN A 280 -16.69 1.54 1.47
C ASN A 280 -16.46 0.33 0.55
N ASP A 281 -17.44 0.02 -0.32
CA ASP A 281 -17.23 -0.90 -1.45
C ASP A 281 -16.18 -0.31 -2.42
N ASN A 282 -16.07 1.03 -2.40
CA ASN A 282 -15.25 1.78 -3.32
C ASN A 282 -13.89 2.18 -2.77
N ALA A 283 -13.82 2.49 -1.47
CA ALA A 283 -12.56 2.87 -0.82
C ALA A 283 -11.58 1.74 -1.05
N LEU A 284 -11.99 0.58 -0.59
CA LEU A 284 -11.14 -0.59 -0.66
C LEU A 284 -11.31 -1.20 -2.00
N HIS A 285 -11.41 -2.53 -2.05
CA HIS A 285 -11.43 -3.21 -3.32
C HIS A 285 -11.10 -2.14 -4.39
N VAL A 286 -12.14 -1.57 -5.03
CA VAL A 286 -12.00 -0.81 -6.28
C VAL A 286 -10.88 0.23 -6.28
N MET A 287 -11.02 1.35 -5.57
CA MET A 287 -9.96 2.37 -5.61
C MET A 287 -8.54 1.84 -5.34
N MET A 288 -8.40 0.89 -4.39
CA MET A 288 -7.07 0.45 -3.94
C MET A 288 -6.58 -0.72 -4.74
N LYS A 289 -7.52 -1.59 -5.10
CA LYS A 289 -7.24 -2.73 -5.96
C LYS A 289 -6.84 -2.35 -7.39
N ASP A 290 -7.61 -1.42 -8.02
CA ASP A 290 -7.48 -1.11 -9.49
C ASP A 290 -6.07 -0.72 -9.89
N GLN A 291 -5.57 -1.26 -10.98
CA GLN A 291 -4.20 -0.90 -11.42
C GLN A 291 -4.03 0.57 -11.85
N TYR A 292 -5.15 1.23 -12.16
CA TYR A 292 -5.22 2.66 -12.60
C TYR A 292 -5.63 3.54 -11.40
N ALA A 293 -6.71 3.16 -10.71
CA ALA A 293 -7.35 4.00 -9.68
C ALA A 293 -6.50 4.20 -8.44
N ASN A 294 -5.62 3.25 -8.18
CA ASN A 294 -4.74 3.29 -7.02
C ASN A 294 -3.65 4.33 -7.18
N TYR A 295 -3.26 4.66 -8.41
CA TYR A 295 -2.35 5.81 -8.53
C TYR A 295 -3.07 7.13 -8.25
N VAL A 296 -4.38 7.13 -8.42
CA VAL A 296 -5.18 8.34 -8.11
C VAL A 296 -5.26 8.62 -6.62
N VAL A 297 -5.45 7.55 -5.83
CA VAL A 297 -5.26 7.63 -4.36
C VAL A 297 -3.81 8.08 -3.97
N GLN A 298 -2.78 7.55 -4.62
CA GLN A 298 -1.42 7.98 -4.30
C GLN A 298 -1.21 9.46 -4.49
N LYS A 299 -1.66 10.01 -5.64
CA LYS A 299 -1.65 11.46 -5.89
C LYS A 299 -2.44 12.22 -4.83
N MET A 300 -3.60 11.71 -4.45
CA MET A 300 -4.34 12.32 -3.36
C MET A 300 -3.59 12.31 -2.02
N ILE A 301 -2.63 11.39 -1.85
CA ILE A 301 -1.78 11.34 -0.67
C ILE A 301 -0.68 12.39 -0.78
N ASP A 302 -0.17 12.59 -2.01
CA ASP A 302 0.89 13.56 -2.29
C ASP A 302 0.48 15.04 -2.15
N VAL A 303 -0.81 15.35 -2.06
CA VAL A 303 -1.22 16.76 -2.05
C VAL A 303 -2.11 17.34 -0.89
N SER A 304 -2.30 16.65 0.26
CA SER A 304 -3.11 17.17 1.44
C SER A 304 -2.33 17.48 2.75
N GLU A 305 -3.00 17.65 3.94
CA GLU A 305 -2.36 17.57 5.36
C GLU A 305 -3.12 17.21 6.77
N PRO A 306 -3.96 18.11 7.36
CA PRO A 306 -4.92 17.45 8.30
C PRO A 306 -6.03 16.65 7.57
N THR A 307 -6.19 16.92 6.27
CA THR A 307 -7.15 16.24 5.40
C THR A 307 -6.66 14.85 5.07
N GLN A 308 -5.34 14.73 4.87
CA GLN A 308 -4.66 13.45 4.67
C GLN A 308 -4.92 12.40 5.78
N LEU A 309 -4.80 12.86 7.04
CA LEU A 309 -5.12 12.11 8.24
C LEU A 309 -6.49 11.43 8.16
N LYS A 310 -7.54 12.20 7.81
CA LYS A 310 -8.91 11.69 7.64
C LYS A 310 -8.94 10.60 6.61
N LYS A 311 -8.00 10.70 5.68
CA LYS A 311 -8.03 9.95 4.43
C LYS A 311 -7.25 8.62 4.50
N LEU A 312 -6.13 8.65 5.21
CA LEU A 312 -5.41 7.40 5.45
C LEU A 312 -6.18 6.46 6.38
N MET A 313 -7.50 6.67 6.45
CA MET A 313 -8.51 5.62 6.59
C MET A 313 -8.83 4.92 5.23
N THR A 314 -7.78 4.48 4.52
CA THR A 314 -7.89 3.71 3.26
C THR A 314 -7.38 2.26 3.39
N LYS A 315 -6.10 2.19 3.81
CA LYS A 315 -5.32 0.95 4.12
C LYS A 315 -5.58 -0.36 3.34
N ILE A 316 -4.61 -0.68 2.48
CA ILE A 316 -4.78 -1.65 1.39
C ILE A 316 -6.27 -1.74 0.94
N HIS B 3 -19.80 -55.04 33.42
CA HIS B 3 -21.11 -55.78 33.31
C HIS B 3 -22.40 -54.93 33.20
N MET B 4 -22.44 -53.72 33.76
CA MET B 4 -23.68 -52.87 33.75
C MET B 4 -25.01 -53.30 34.42
N SER B 5 -25.48 -52.56 35.43
CA SER B 5 -26.76 -52.92 36.14
C SER B 5 -27.92 -53.00 35.19
N ARG B 6 -28.96 -53.75 35.59
CA ARG B 6 -30.15 -53.83 34.70
C ARG B 6 -30.96 -52.54 34.77
N LEU B 7 -30.98 -51.86 35.90
CA LEU B 7 -31.56 -50.55 35.95
C LEU B 7 -30.90 -49.68 34.90
N LEU B 8 -29.54 -49.76 34.79
CA LEU B 8 -28.85 -48.90 33.82
C LEU B 8 -29.06 -49.40 32.42
N GLU B 9 -29.05 -50.73 32.19
CA GLU B 9 -29.41 -51.18 30.84
C GLU B 9 -30.80 -50.71 30.48
N ASP B 10 -31.77 -50.91 31.38
CA ASP B 10 -33.15 -50.61 31.02
C ASP B 10 -33.33 -49.17 30.66
N PHE B 11 -32.89 -48.26 31.55
CA PHE B 11 -32.87 -46.80 31.20
C PHE B 11 -32.32 -46.52 29.79
N ARG B 12 -31.27 -47.22 29.42
CA ARG B 12 -30.65 -46.94 28.13
C ARG B 12 -31.55 -47.37 26.95
N ASN B 13 -32.13 -48.58 27.03
CA ASN B 13 -33.14 -49.05 26.09
C ASN B 13 -34.52 -48.39 26.28
N GLN B 14 -34.58 -47.11 26.67
CA GLN B 14 -35.87 -46.41 26.81
C GLN B 14 -37.03 -47.24 27.42
N ARG B 15 -36.74 -48.01 28.46
CA ARG B 15 -37.75 -48.82 29.15
C ARG B 15 -38.36 -48.16 30.40
N TYR B 16 -37.76 -47.10 30.95
CA TYR B 16 -38.48 -46.39 31.99
C TYR B 16 -39.19 -45.13 31.43
N PRO B 17 -40.51 -45.01 31.70
CA PRO B 17 -41.24 -43.84 31.19
C PRO B 17 -40.97 -42.54 31.94
N ASN B 18 -40.78 -42.64 33.24
CA ASN B 18 -40.70 -41.48 34.08
C ASN B 18 -39.73 -41.86 35.16
N LEU B 19 -38.54 -42.42 34.84
CA LEU B 19 -37.56 -42.68 35.96
C LEU B 19 -37.35 -41.39 36.76
N GLN B 20 -37.15 -41.56 38.05
CA GLN B 20 -36.78 -40.43 38.89
C GLN B 20 -35.65 -40.75 39.86
N LEU B 21 -35.04 -39.71 40.39
CA LEU B 21 -33.80 -39.88 41.09
C LEU B 21 -33.92 -40.79 42.24
N ARG B 22 -35.10 -40.84 42.84
CA ARG B 22 -35.29 -41.67 44.06
C ARG B 22 -35.10 -43.14 43.72
N ASP B 23 -35.48 -43.47 42.50
CA ASP B 23 -35.31 -44.80 41.91
C ASP B 23 -33.90 -45.23 41.49
N LEU B 24 -32.88 -44.36 41.76
CA LEU B 24 -31.47 -44.63 41.49
C LEU B 24 -30.78 -45.00 42.78
N ALA B 25 -31.51 -45.16 43.87
CA ALA B 25 -30.79 -45.42 45.08
C ALA B 25 -29.79 -46.58 44.81
N ASN B 26 -28.55 -46.36 45.24
CA ASN B 26 -27.45 -47.31 45.19
C ASN B 26 -26.94 -47.60 43.83
N HIS B 27 -27.37 -46.79 42.85
CA HIS B 27 -26.97 -46.87 41.44
C HIS B 27 -26.38 -45.57 40.96
N ILE B 28 -26.15 -44.64 41.89
CA ILE B 28 -25.79 -43.28 41.50
C ILE B 28 -24.36 -43.19 40.92
N VAL B 29 -23.38 -43.74 41.61
CA VAL B 29 -22.03 -43.74 41.12
C VAL B 29 -22.01 -44.20 39.73
N GLU B 30 -22.63 -45.32 39.41
CA GLU B 30 -22.75 -45.88 38.07
C GLU B 30 -23.47 -45.07 37.02
N PHE B 31 -24.58 -44.49 37.40
CA PHE B 31 -25.24 -43.57 36.46
C PHE B 31 -24.42 -42.26 36.20
N SER B 32 -23.85 -41.66 37.21
CA SER B 32 -22.92 -40.48 36.99
C SER B 32 -21.77 -40.67 36.04
N GLN B 33 -21.24 -41.91 35.99
CA GLN B 33 -20.22 -42.34 35.03
C GLN B 33 -20.72 -42.68 33.58
N ASP B 34 -22.01 -42.85 33.43
CA ASP B 34 -22.59 -43.17 32.14
C ASP B 34 -22.86 -41.87 31.40
N GLN B 35 -22.73 -41.89 30.10
CA GLN B 35 -23.03 -40.73 29.34
C GLN B 35 -24.51 -40.19 29.49
N HIS B 36 -25.49 -41.10 29.60
CA HIS B 36 -26.91 -40.71 29.59
C HIS B 36 -27.35 -40.59 31.03
N GLY B 37 -26.95 -41.53 31.88
CA GLY B 37 -27.25 -41.43 33.30
C GLY B 37 -26.65 -40.25 34.02
N SER B 38 -25.60 -39.72 33.42
CA SER B 38 -25.07 -38.44 33.84
C SER B 38 -25.97 -37.21 33.46
N ARG B 39 -26.26 -37.04 32.17
CA ARG B 39 -27.20 -36.09 31.62
C ARG B 39 -28.49 -36.16 32.41
N PHE B 40 -29.00 -37.38 32.66
CA PHE B 40 -30.23 -37.57 33.45
C PHE B 40 -30.06 -37.08 34.81
N ILE B 41 -29.07 -37.52 35.51
CA ILE B 41 -28.81 -36.90 36.83
C ILE B 41 -28.62 -35.35 36.89
N GLN B 42 -27.92 -34.77 35.94
CA GLN B 42 -27.68 -33.33 35.86
C GLN B 42 -29.10 -32.70 35.89
N GLN B 43 -29.93 -33.16 34.93
CA GLN B 43 -31.25 -32.62 34.61
C GLN B 43 -32.26 -32.74 35.68
N LYS B 44 -32.31 -33.88 36.35
CA LYS B 44 -33.25 -34.07 37.45
C LYS B 44 -32.89 -33.30 38.73
N LEU B 45 -31.70 -32.71 38.75
CA LEU B 45 -31.15 -32.26 40.04
C LEU B 45 -31.57 -30.83 40.34
N GLU B 46 -31.59 -30.01 39.29
CA GLU B 46 -32.23 -28.67 39.31
C GLU B 46 -33.60 -28.63 40.03
N ARG B 47 -34.51 -29.54 39.62
CA ARG B 47 -35.91 -29.58 40.08
C ARG B 47 -36.14 -30.71 41.02
N ALA B 48 -35.07 -31.22 41.59
CA ALA B 48 -35.11 -32.41 42.41
C ALA B 48 -35.62 -32.01 43.77
N THR B 49 -36.04 -32.97 44.57
CA THR B 49 -36.44 -32.68 45.93
C THR B 49 -35.25 -32.71 46.78
N ALA B 50 -35.43 -32.50 48.08
CA ALA B 50 -34.35 -32.23 48.99
C ALA B 50 -33.81 -33.55 49.44
N ALA B 51 -34.70 -34.49 49.73
CA ALA B 51 -34.29 -35.87 50.07
C ALA B 51 -33.60 -36.59 48.90
N GLU B 52 -34.04 -36.39 47.67
CA GLU B 52 -33.35 -36.87 46.48
C GLU B 52 -31.84 -36.43 46.46
N LYS B 53 -31.58 -35.12 46.17
CA LYS B 53 -30.31 -34.38 46.41
C LYS B 53 -29.47 -34.93 47.55
N GLN B 54 -30.03 -35.10 48.75
CA GLN B 54 -29.21 -35.64 49.83
C GLN B 54 -28.88 -37.08 49.64
N MET B 55 -29.67 -37.78 48.83
CA MET B 55 -29.49 -39.19 48.51
C MET B 55 -28.29 -39.34 47.51
N VAL B 56 -28.45 -38.74 46.35
CA VAL B 56 -27.42 -38.54 45.39
C VAL B 56 -26.14 -38.03 46.01
N PHE B 57 -26.25 -36.95 46.82
CA PHE B 57 -25.07 -36.37 47.37
C PHE B 57 -24.32 -37.35 48.23
N SER B 58 -25.05 -38.13 49.01
CA SER B 58 -24.32 -38.98 50.00
C SER B 58 -23.65 -40.14 49.22
N GLU B 59 -24.21 -40.44 48.03
CA GLU B 59 -23.75 -41.44 47.10
C GLU B 59 -22.55 -40.98 46.26
N ILE B 60 -22.69 -39.80 45.66
CA ILE B 60 -21.51 -39.10 45.12
C ILE B 60 -20.38 -38.89 46.08
N LEU B 61 -20.70 -38.70 47.35
CA LEU B 61 -19.67 -38.49 48.26
C LEU B 61 -18.75 -39.68 48.43
N ALA B 62 -19.34 -40.88 48.51
CA ALA B 62 -18.53 -42.03 48.81
C ALA B 62 -17.53 -42.32 47.69
N ALA B 63 -17.77 -41.80 46.49
CA ALA B 63 -16.92 -41.90 45.28
C ALA B 63 -16.44 -40.57 44.76
N ALA B 64 -16.26 -39.55 45.58
CA ALA B 64 -16.03 -38.17 45.08
C ALA B 64 -14.84 -38.00 44.08
N TYR B 65 -13.69 -38.48 44.50
CA TYR B 65 -12.46 -38.43 43.71
C TYR B 65 -12.55 -39.12 42.43
N SER B 66 -12.99 -40.37 42.44
CA SER B 66 -13.34 -41.04 41.17
C SER B 66 -14.25 -40.30 40.26
N LEU B 67 -15.26 -39.65 40.79
CA LEU B 67 -16.27 -38.98 39.92
C LEU B 67 -15.72 -37.64 39.46
N MET B 68 -14.97 -36.98 40.32
CA MET B 68 -14.28 -35.71 39.88
C MET B 68 -13.36 -35.86 38.64
N THR B 69 -12.82 -37.08 38.44
CA THR B 69 -11.88 -37.38 37.37
C THR B 69 -12.45 -38.17 36.25
N ASP B 70 -13.79 -38.28 36.22
CA ASP B 70 -14.49 -39.03 35.15
C ASP B 70 -15.04 -38.07 34.10
N VAL B 71 -14.96 -38.46 32.83
CA VAL B 71 -15.46 -37.66 31.75
C VAL B 71 -16.93 -37.25 32.01
N PHE B 72 -17.74 -38.16 32.53
CA PHE B 72 -19.12 -37.76 32.74
C PHE B 72 -19.45 -37.49 34.20
N GLY B 73 -18.80 -38.11 35.17
CA GLY B 73 -19.17 -37.87 36.57
C GLY B 73 -18.81 -36.49 37.12
N ASN B 74 -17.80 -35.82 36.49
CA ASN B 74 -17.30 -34.50 36.96
C ASN B 74 -18.48 -33.48 36.93
N TYR B 75 -19.35 -33.61 35.93
CA TYR B 75 -20.56 -32.79 35.78
C TYR B 75 -21.60 -32.99 36.88
N VAL B 76 -21.60 -34.16 37.54
CA VAL B 76 -22.55 -34.36 38.58
C VAL B 76 -22.04 -33.57 39.80
N ILE B 77 -20.74 -33.62 40.02
CA ILE B 77 -20.03 -32.95 41.07
C ILE B 77 -20.25 -31.42 40.80
N GLN B 78 -19.99 -30.95 39.58
CA GLN B 78 -20.21 -29.56 39.19
C GLN B 78 -21.66 -29.02 39.46
N LYS B 79 -22.69 -29.77 39.06
CA LYS B 79 -24.09 -29.52 39.38
C LYS B 79 -24.37 -29.27 40.85
N PHE B 80 -23.77 -30.05 41.78
CA PHE B 80 -23.84 -29.74 43.21
C PHE B 80 -23.07 -28.54 43.70
N PHE B 81 -22.01 -28.12 42.97
CA PHE B 81 -21.35 -26.85 43.35
C PHE B 81 -22.27 -25.63 42.93
N GLU B 82 -22.86 -25.70 41.75
CA GLU B 82 -23.90 -24.77 41.25
C GLU B 82 -25.25 -24.81 42.12
N PHE B 83 -26.07 -25.82 41.95
CA PHE B 83 -27.25 -26.08 42.80
C PHE B 83 -26.79 -26.60 44.14
N GLY B 84 -27.60 -27.20 44.97
CA GLY B 84 -26.93 -27.75 46.14
C GLY B 84 -26.66 -26.82 47.32
N THR B 85 -26.86 -27.34 48.54
CA THR B 85 -26.78 -26.56 49.74
C THR B 85 -25.39 -26.06 50.05
N PRO B 86 -25.24 -25.01 50.91
CA PRO B 86 -23.95 -24.59 51.47
C PRO B 86 -23.20 -25.70 52.19
N GLU B 87 -23.86 -26.47 53.04
CA GLU B 87 -23.18 -27.55 53.72
C GLU B 87 -22.65 -28.57 52.67
N GLN B 88 -23.47 -28.88 51.68
CA GLN B 88 -23.10 -29.78 50.59
C GLN B 88 -21.91 -29.22 49.87
N LYS B 89 -21.95 -27.90 49.58
CA LYS B 89 -20.90 -27.26 48.84
C LYS B 89 -19.57 -27.29 49.64
N ASN B 90 -19.71 -27.12 50.94
CA ASN B 90 -18.61 -27.03 51.84
C ASN B 90 -17.91 -28.35 51.91
N THR B 91 -18.72 -29.41 51.85
CA THR B 91 -18.28 -30.76 52.06
C THR B 91 -17.62 -31.24 50.75
N LEU B 92 -18.14 -30.83 49.62
CA LEU B 92 -17.47 -31.16 48.38
C LEU B 92 -16.10 -30.42 48.18
N GLY B 93 -15.99 -29.16 48.66
CA GLY B 93 -14.77 -28.44 48.67
C GLY B 93 -13.71 -28.95 49.63
N MET B 94 -14.07 -29.55 50.76
CA MET B 94 -13.07 -30.25 51.55
C MET B 94 -12.45 -31.40 50.81
N GLN B 95 -13.23 -32.06 49.96
CA GLN B 95 -12.78 -33.16 49.12
C GLN B 95 -11.87 -32.70 47.96
N VAL B 96 -12.19 -31.58 47.30
CA VAL B 96 -11.30 -30.97 46.32
C VAL B 96 -10.00 -30.55 47.03
N LYS B 97 -10.11 -29.86 48.16
CA LYS B 97 -8.91 -29.50 48.92
C LYS B 97 -7.97 -30.67 49.23
N GLY B 98 -8.54 -31.85 49.46
CA GLY B 98 -7.74 -32.95 50.02
C GLY B 98 -7.00 -33.64 48.95
N HIS B 99 -7.34 -33.35 47.70
CA HIS B 99 -6.87 -34.06 46.49
C HIS B 99 -6.44 -33.08 45.39
N VAL B 100 -6.38 -31.80 45.66
CA VAL B 100 -6.10 -30.73 44.67
C VAL B 100 -4.80 -30.98 43.81
N LEU B 101 -3.71 -31.45 44.41
CA LEU B 101 -2.56 -31.82 43.61
C LEU B 101 -2.83 -32.88 42.59
N GLN B 102 -3.51 -33.98 42.94
CA GLN B 102 -3.86 -34.97 41.87
C GLN B 102 -4.83 -34.39 40.88
N LEU B 103 -5.85 -33.77 41.47
CA LEU B 103 -6.94 -33.22 40.68
C LEU B 103 -6.45 -32.13 39.76
N ALA B 104 -5.47 -31.32 40.19
CA ALA B 104 -5.01 -30.21 39.39
C ALA B 104 -4.31 -30.68 38.04
N LEU B 105 -3.79 -31.91 38.00
CA LEU B 105 -3.02 -32.40 36.89
C LEU B 105 -3.86 -33.25 35.92
N GLN B 106 -5.15 -33.38 36.19
CA GLN B 106 -6.01 -34.20 35.35
C GLN B 106 -7.11 -33.32 34.73
N MET B 107 -7.52 -33.60 33.49
CA MET B 107 -8.54 -32.83 32.74
C MET B 107 -9.88 -32.51 33.46
N TYR B 108 -10.43 -33.45 34.26
CA TYR B 108 -11.83 -33.36 34.79
C TYR B 108 -11.69 -32.78 36.17
N GLY B 109 -10.53 -33.01 36.73
CA GLY B 109 -10.09 -32.27 37.87
C GLY B 109 -9.71 -30.76 37.61
N CYS B 110 -9.10 -30.23 36.40
CA CYS B 110 -8.72 -28.67 35.84
C CYS B 110 -10.20 -28.37 36.40
N ARG B 111 -11.26 -28.96 35.80
CA ARG B 111 -12.71 -28.45 35.82
C ARG B 111 -13.48 -28.36 37.09
N VAL B 112 -13.36 -29.37 37.97
CA VAL B 112 -13.97 -29.30 39.31
C VAL B 112 -13.31 -28.29 40.26
N ILE B 113 -11.98 -28.21 40.27
CA ILE B 113 -11.28 -27.16 41.07
C ILE B 113 -11.76 -25.79 40.68
N GLN B 114 -11.76 -25.49 39.39
CA GLN B 114 -12.26 -24.23 38.81
C GLN B 114 -13.71 -23.94 39.15
N LYS B 115 -14.59 -24.96 39.08
CA LYS B 115 -15.97 -24.80 39.51
C LYS B 115 -16.11 -24.60 41.01
N ALA B 116 -15.31 -25.29 41.79
CA ALA B 116 -15.29 -25.15 43.23
C ALA B 116 -14.76 -23.72 43.71
N LEU B 117 -13.75 -23.15 43.03
CA LEU B 117 -13.16 -21.85 43.35
C LEU B 117 -14.20 -20.77 43.19
N GLU B 118 -14.88 -20.77 42.07
CA GLU B 118 -16.10 -20.01 41.88
C GLU B 118 -17.41 -20.45 42.62
N SER B 119 -17.40 -21.27 43.69
CA SER B 119 -18.70 -21.79 44.34
C SER B 119 -18.71 -21.87 45.84
N ILE B 120 -17.57 -21.71 46.44
CA ILE B 120 -17.39 -21.96 47.86
C ILE B 120 -17.03 -20.70 48.65
N SER B 121 -17.06 -20.79 49.96
CA SER B 121 -16.65 -19.69 50.83
C SER B 121 -15.27 -19.25 50.40
N PRO B 122 -14.98 -17.93 50.51
CA PRO B 122 -13.66 -17.37 50.29
C PRO B 122 -12.66 -17.77 51.34
N GLU B 123 -13.16 -18.34 52.43
CA GLU B 123 -12.31 -18.96 53.44
C GLU B 123 -11.72 -20.27 52.84
N GLN B 124 -12.60 -21.05 52.19
CA GLN B 124 -12.25 -22.34 51.57
C GLN B 124 -11.51 -22.19 50.27
N GLN B 125 -11.89 -21.21 49.45
CA GLN B 125 -11.11 -20.76 48.29
C GLN B 125 -9.61 -20.62 48.60
N GLN B 126 -9.27 -20.01 49.75
CA GLN B 126 -7.88 -19.84 50.22
C GLN B 126 -7.21 -21.11 50.63
N GLU B 127 -7.93 -21.96 51.35
CA GLU B 127 -7.34 -23.30 51.69
C GLU B 127 -6.92 -24.08 50.42
N ILE B 128 -7.73 -24.10 49.39
CA ILE B 128 -7.36 -24.85 48.17
C ILE B 128 -6.03 -24.32 47.51
N VAL B 129 -5.97 -23.00 47.36
CA VAL B 129 -4.79 -22.26 46.89
C VAL B 129 -3.49 -22.62 47.71
N HIS B 130 -3.59 -22.55 49.02
CA HIS B 130 -2.50 -22.83 49.93
C HIS B 130 -1.96 -24.23 49.75
N GLU B 131 -2.83 -25.18 49.43
CA GLU B 131 -2.36 -26.52 49.06
C GLU B 131 -1.33 -26.56 47.91
N LEU B 132 -1.24 -25.51 47.07
CA LEU B 132 -0.34 -25.56 45.90
C LEU B 132 1.01 -25.06 46.31
N ASP B 133 1.08 -24.50 47.52
CA ASP B 133 2.32 -23.95 48.09
C ASP B 133 3.32 -25.04 48.22
N GLY B 134 4.47 -24.88 47.56
CA GLY B 134 5.48 -25.96 47.33
C GLY B 134 5.38 -26.74 46.01
N HIS B 135 4.31 -26.49 45.28
CA HIS B 135 3.99 -27.31 44.19
C HIS B 135 3.60 -26.43 42.99
N VAL B 136 3.97 -25.16 42.97
CA VAL B 136 3.47 -24.23 41.95
C VAL B 136 4.02 -24.48 40.50
N LEU B 137 5.33 -24.77 40.35
CA LEU B 137 5.92 -24.84 39.00
C LEU B 137 5.47 -26.02 38.19
N LYS B 138 5.49 -27.19 38.79
CA LYS B 138 4.87 -28.37 38.19
C LYS B 138 3.42 -28.10 37.64
N CYS B 139 2.57 -27.49 38.46
CA CYS B 139 1.22 -27.11 38.13
C CYS B 139 1.20 -26.04 37.03
N VAL B 140 2.05 -25.02 37.19
CA VAL B 140 2.19 -23.95 36.19
C VAL B 140 2.56 -24.43 34.78
N LYS B 141 3.40 -25.49 34.75
CA LYS B 141 3.94 -26.02 33.49
C LYS B 141 3.03 -27.12 32.87
N ASP B 142 1.93 -27.41 33.53
CA ASP B 142 1.15 -28.57 33.19
C ASP B 142 0.03 -28.10 32.32
N GLN B 143 -0.26 -28.85 31.29
CA GLN B 143 -1.43 -28.61 30.48
C GLN B 143 -2.77 -28.39 31.25
N ASN B 144 -2.95 -29.10 32.38
CA ASN B 144 -4.15 -28.82 33.19
C ASN B 144 -3.89 -27.91 34.33
N GLY B 145 -2.75 -28.11 35.05
CA GLY B 145 -2.51 -27.33 36.30
C GLY B 145 -2.30 -25.86 36.05
N ASN B 146 -1.90 -25.41 34.87
CA ASN B 146 -1.80 -23.94 34.67
C ASN B 146 -3.20 -23.26 34.66
N HIS B 147 -4.23 -23.98 34.22
CA HIS B 147 -5.62 -23.45 34.25
C HIS B 147 -6.10 -23.19 35.62
N VAL B 148 -5.83 -24.14 36.51
CA VAL B 148 -6.10 -24.06 37.94
C VAL B 148 -5.26 -22.99 38.57
N VAL B 149 -3.93 -22.94 38.27
CA VAL B 149 -3.16 -21.77 38.79
C VAL B 149 -3.77 -20.45 38.33
N GLN B 150 -4.11 -20.32 37.06
CA GLN B 150 -4.79 -19.07 36.61
C GLN B 150 -6.10 -18.73 37.32
N LYS B 151 -6.89 -19.79 37.52
CA LYS B 151 -8.10 -19.68 38.32
C LYS B 151 -7.98 -19.16 39.75
N CYS B 152 -6.98 -19.71 40.46
CA CYS B 152 -6.62 -19.35 41.81
C CYS B 152 -6.15 -17.92 41.87
N ILE B 153 -5.33 -17.55 40.91
CA ILE B 153 -4.86 -16.15 40.80
C ILE B 153 -6.03 -15.17 40.60
N GLU B 154 -6.95 -15.57 39.72
CA GLU B 154 -8.11 -14.76 39.55
C GLU B 154 -9.27 -14.88 40.56
N CYS B 155 -9.30 -15.82 41.55
CA CYS B 155 -10.43 -15.85 42.53
C CYS B 155 -9.97 -15.28 43.86
N VAL B 156 -8.69 -15.39 44.26
CA VAL B 156 -8.37 -15.05 45.67
C VAL B 156 -7.73 -13.64 45.83
N ASP B 157 -7.62 -13.06 47.04
CA ASP B 157 -6.89 -11.78 47.23
C ASP B 157 -5.42 -11.81 46.78
N PRO B 158 -5.02 -10.92 45.85
CA PRO B 158 -3.55 -10.87 45.53
C PRO B 158 -2.63 -11.15 46.75
N VAL B 159 -2.88 -10.54 47.94
CA VAL B 159 -2.10 -10.80 49.20
C VAL B 159 -1.80 -12.26 49.60
N ALA B 160 -2.72 -13.17 49.20
CA ALA B 160 -2.51 -14.62 49.43
C ALA B 160 -1.69 -15.36 48.34
N LEU B 161 -1.26 -14.63 47.33
CA LEU B 161 -0.54 -15.12 46.18
C LEU B 161 0.93 -14.80 46.31
N GLN B 162 1.34 -14.41 47.49
CA GLN B 162 2.71 -14.04 47.68
C GLN B 162 3.61 -15.25 47.34
N PHE B 163 3.13 -16.42 47.69
CA PHE B 163 3.89 -17.64 47.49
C PHE B 163 4.13 -18.03 45.99
N ILE B 164 3.19 -17.72 45.09
CA ILE B 164 3.34 -17.92 43.65
C ILE B 164 4.45 -16.98 43.13
N ILE B 165 4.47 -15.69 43.52
CA ILE B 165 5.59 -14.77 43.27
C ILE B 165 6.99 -15.29 43.69
N ASN B 166 7.09 -15.83 44.88
CA ASN B 166 8.32 -16.34 45.38
C ASN B 166 8.77 -17.52 44.59
N ALA B 167 7.86 -18.36 44.11
CA ALA B 167 8.28 -19.58 43.37
C ALA B 167 8.78 -19.17 41.99
N PHE B 168 8.25 -18.06 41.50
CA PHE B 168 8.60 -17.52 40.18
C PHE B 168 9.97 -16.85 40.14
N LYS B 169 10.46 -16.46 41.30
CA LYS B 169 11.77 -15.83 41.47
C LYS B 169 12.89 -16.65 40.85
N GLY B 170 13.60 -16.03 39.88
CA GLY B 170 14.67 -16.70 39.14
C GLY B 170 14.17 -17.66 38.09
N GLN B 171 12.85 -17.68 37.91
CA GLN B 171 12.21 -18.64 36.92
C GLN B 171 11.41 -17.88 35.84
N VAL B 172 11.41 -16.57 35.82
CA VAL B 172 10.49 -15.85 35.03
C VAL B 172 10.72 -15.97 33.47
N TYR B 173 12.00 -15.94 33.05
CA TYR B 173 12.36 -16.04 31.65
C TYR B 173 11.93 -17.40 31.20
N SER B 174 12.28 -18.43 31.99
CA SER B 174 11.93 -19.82 31.74
C SER B 174 10.44 -20.05 31.61
N LEU B 175 9.66 -19.48 32.51
CA LEU B 175 8.21 -19.54 32.47
C LEU B 175 7.67 -18.67 31.39
N SER B 176 8.23 -17.48 31.15
CA SER B 176 7.74 -16.55 30.15
C SER B 176 7.94 -17.14 28.74
N THR B 177 8.88 -18.09 28.61
CA THR B 177 9.15 -18.74 27.32
C THR B 177 8.48 -20.16 27.11
N HIS B 178 7.56 -20.52 27.99
CA HIS B 178 6.91 -21.80 28.09
C HIS B 178 5.43 -21.56 27.65
N PRO B 179 4.83 -22.52 26.88
CA PRO B 179 3.46 -22.26 26.37
C PRO B 179 2.49 -22.07 27.46
N TYR B 180 2.68 -22.73 28.63
CA TYR B 180 1.73 -22.69 29.77
C TYR B 180 2.14 -21.63 30.81
N GLY B 181 3.42 -21.59 31.17
CA GLY B 181 3.93 -20.69 32.16
C GLY B 181 3.76 -19.23 31.87
N CYS B 182 3.90 -18.81 30.60
CA CYS B 182 3.55 -17.46 30.13
C CYS B 182 2.11 -16.91 30.45
N ARG B 183 1.12 -17.78 30.38
CA ARG B 183 -0.30 -17.47 30.69
C ARG B 183 -0.47 -17.27 32.20
N VAL B 184 0.23 -18.05 33.02
CA VAL B 184 0.26 -17.83 34.47
C VAL B 184 0.93 -16.43 34.82
N ILE B 185 2.09 -16.11 34.20
CA ILE B 185 2.77 -14.84 34.28
C ILE B 185 1.83 -13.67 33.90
N GLN B 186 1.11 -13.72 32.75
CA GLN B 186 0.13 -12.70 32.37
C GLN B 186 -0.99 -12.53 33.40
N ARG B 187 -1.38 -13.63 34.03
CA ARG B 187 -2.47 -13.61 35.05
C ARG B 187 -1.98 -12.94 36.31
N ILE B 188 -0.81 -13.30 36.76
CA ILE B 188 -0.09 -12.46 37.69
C ILE B 188 0.17 -11.16 36.90
N LEU B 189 0.37 -10.02 37.46
CA LEU B 189 0.68 -8.92 36.49
C LEU B 189 -0.66 -8.30 36.28
N GLU B 190 -1.65 -9.11 35.92
CA GLU B 190 -2.98 -8.58 35.84
C GLU B 190 -3.79 -8.52 37.19
N HIS B 191 -3.38 -9.27 38.24
CA HIS B 191 -4.18 -9.36 39.44
C HIS B 191 -3.38 -9.00 40.59
N CYS B 192 -2.07 -9.19 40.49
CA CYS B 192 -1.20 -8.68 41.56
C CYS B 192 -0.92 -7.14 41.28
N THR B 193 -0.66 -6.36 42.34
CA THR B 193 -0.23 -4.96 42.26
C THR B 193 1.20 -4.84 41.70
N ALA B 194 1.60 -3.67 41.21
CA ALA B 194 2.91 -3.50 40.61
C ALA B 194 3.97 -3.58 41.69
N GLU B 195 3.56 -3.28 42.92
CA GLU B 195 4.49 -3.50 44.00
C GLU B 195 4.79 -5.01 44.24
N GLN B 196 3.79 -5.88 44.17
CA GLN B 196 4.05 -7.29 44.48
C GLN B 196 4.72 -7.93 43.29
N THR B 197 4.43 -7.37 42.14
CA THR B 197 4.85 -7.93 40.88
C THR B 197 6.29 -7.48 40.37
N THR B 198 6.95 -6.68 41.22
CA THR B 198 8.29 -6.09 41.02
C THR B 198 9.39 -7.11 40.72
N PRO B 199 9.48 -8.22 41.48
CA PRO B 199 10.43 -9.23 41.06
C PRO B 199 10.22 -9.89 39.65
N ILE B 200 8.95 -10.08 39.22
CA ILE B 200 8.63 -10.48 37.89
C ILE B 200 9.07 -9.43 36.81
N LEU B 201 8.59 -8.19 36.92
CA LEU B 201 9.05 -7.02 36.10
C LEU B 201 10.58 -6.90 36.02
N ASP B 202 11.26 -7.15 37.14
CA ASP B 202 12.72 -7.15 37.21
C ASP B 202 13.33 -8.15 36.25
N GLU B 203 12.83 -9.38 36.24
CA GLU B 203 13.38 -10.34 35.32
C GLU B 203 12.82 -10.11 33.86
N LEU B 204 11.61 -9.63 33.69
CA LEU B 204 11.15 -9.29 32.35
C LEU B 204 12.03 -8.18 31.69
N HIS B 205 12.40 -7.10 32.41
CA HIS B 205 13.35 -6.10 31.94
C HIS B 205 14.71 -6.63 31.65
N GLU B 206 15.23 -7.45 32.55
CA GLU B 206 16.53 -8.09 32.34
C GLU B 206 16.71 -8.83 31.02
N HIS B 207 15.62 -9.38 30.43
CA HIS B 207 15.66 -10.34 29.31
C HIS B 207 14.81 -9.88 28.16
N THR B 208 14.37 -8.63 28.17
CA THR B 208 13.55 -8.00 27.17
C THR B 208 13.88 -8.43 25.76
N GLU B 209 15.17 -8.35 25.42
CA GLU B 209 15.64 -8.66 24.06
C GLU B 209 15.34 -10.06 23.69
N GLN B 210 15.66 -11.03 24.59
CA GLN B 210 15.42 -12.45 24.34
C GLN B 210 13.94 -12.67 24.34
N LEU B 211 13.20 -11.95 25.18
CA LEU B 211 11.74 -12.21 25.23
C LEU B 211 10.95 -11.61 24.10
N ILE B 212 11.33 -10.45 23.62
CA ILE B 212 10.60 -9.84 22.49
C ILE B 212 10.69 -10.72 21.23
N GLN B 213 11.75 -11.51 21.13
CA GLN B 213 12.01 -12.53 20.13
C GLN B 213 11.48 -13.96 20.39
N ASP B 214 10.95 -14.23 21.59
CA ASP B 214 10.45 -15.60 21.89
C ASP B 214 9.04 -15.76 21.41
N GLN B 215 8.81 -16.94 20.87
CA GLN B 215 7.46 -17.39 20.51
C GLN B 215 6.32 -17.13 21.53
N TYR B 216 6.57 -17.46 22.81
CA TYR B 216 5.63 -17.10 23.90
C TYR B 216 5.88 -15.81 24.62
N GLY B 217 7.14 -15.45 24.79
CA GLY B 217 7.51 -14.35 25.65
C GLY B 217 7.19 -13.00 25.04
N ASN B 218 7.13 -12.92 23.69
CA ASN B 218 6.73 -11.65 23.06
C ASN B 218 5.37 -11.31 23.64
N TYR B 219 4.56 -12.32 23.96
CA TYR B 219 3.19 -12.04 24.45
C TYR B 219 3.24 -11.52 25.83
N VAL B 220 4.20 -11.91 26.63
CA VAL B 220 4.25 -11.36 27.97
C VAL B 220 4.61 -9.89 27.96
N ILE B 221 5.59 -9.52 27.13
CA ILE B 221 5.96 -8.14 26.81
C ILE B 221 4.78 -7.34 26.25
N GLN B 222 4.00 -7.89 25.34
CA GLN B 222 2.89 -7.14 24.81
C GLN B 222 1.90 -6.85 25.88
N HIS B 223 1.75 -7.78 26.83
CA HIS B 223 0.92 -7.56 28.01
C HIS B 223 1.38 -6.40 28.89
N VAL B 224 2.65 -6.34 29.21
CA VAL B 224 3.10 -5.19 30.00
C VAL B 224 2.83 -3.90 29.18
N LEU B 225 2.96 -4.00 27.87
CA LEU B 225 2.68 -2.84 26.98
C LEU B 225 1.23 -2.35 27.01
N GLU B 226 0.29 -3.26 26.97
CA GLU B 226 -1.12 -2.97 26.88
C GLU B 226 -1.74 -2.59 28.25
N HIS B 227 -1.12 -3.08 29.31
CA HIS B 227 -1.77 -3.13 30.63
C HIS B 227 -0.86 -2.66 31.74
N GLY B 228 0.41 -2.39 31.48
CA GLY B 228 1.35 -2.08 32.60
C GLY B 228 1.40 -0.60 33.08
N LYS B 229 2.26 -0.33 34.06
CA LYS B 229 2.60 0.98 34.53
C LYS B 229 3.40 1.62 33.44
N GLN B 230 3.25 2.95 33.33
CA GLN B 230 3.94 3.81 32.36
C GLN B 230 5.43 3.75 32.47
N GLU B 231 5.94 3.59 33.70
CA GLU B 231 7.37 3.48 33.90
C GLU B 231 7.95 2.23 33.28
N ASP B 232 7.23 1.11 33.38
CA ASP B 232 7.57 -0.11 32.66
C ASP B 232 7.34 0.02 31.16
N LYS B 233 6.23 0.60 30.71
CA LYS B 233 6.02 0.81 29.22
C LYS B 233 7.18 1.64 28.61
N SER B 234 7.71 2.65 29.37
CA SER B 234 8.89 3.49 28.91
C SER B 234 10.23 2.80 28.90
N ILE B 235 10.60 2.15 29.98
CA ILE B 235 11.71 1.26 29.94
C ILE B 235 11.62 0.28 28.75
N LEU B 236 10.43 -0.24 28.46
CA LEU B 236 10.29 -1.21 27.34
C LEU B 236 10.49 -0.54 25.97
N ILE B 237 9.80 0.58 25.75
CA ILE B 237 10.04 1.41 24.53
C ILE B 237 11.49 1.79 24.29
N ASN B 238 12.20 2.37 25.27
CA ASN B 238 13.66 2.60 25.12
C ASN B 238 14.56 1.44 24.69
N SER B 239 14.17 0.20 24.95
CA SER B 239 14.97 -0.94 24.50
C SER B 239 14.74 -1.29 23.02
N VAL B 240 13.67 -0.75 22.44
CA VAL B 240 13.35 -0.87 21.03
C VAL B 240 14.10 0.22 20.17
N ARG B 241 14.05 1.51 20.54
CA ARG B 241 14.93 2.63 20.08
C ARG B 241 15.45 2.75 18.63
N GLY B 242 16.75 2.46 18.49
CA GLY B 242 17.41 2.44 17.21
C GLY B 242 17.47 0.99 16.73
N LYS B 243 16.47 0.20 17.16
CA LYS B 243 16.43 -1.20 16.78
C LYS B 243 15.17 -1.50 15.97
N VAL B 244 14.35 -0.46 15.73
CA VAL B 244 13.06 -0.59 15.06
C VAL B 244 13.13 -1.36 13.73
N LEU B 245 14.15 -1.08 12.87
CA LEU B 245 14.30 -1.82 11.62
C LEU B 245 14.66 -3.29 11.75
N VAL B 246 15.62 -3.65 12.60
CA VAL B 246 15.92 -5.08 12.74
C VAL B 246 14.84 -5.80 13.52
N LEU B 247 14.13 -5.10 14.41
CA LEU B 247 13.18 -5.83 15.17
C LEU B 247 11.89 -6.03 14.37
N SER B 248 11.48 -4.98 13.65
CA SER B 248 10.24 -5.06 12.80
C SER B 248 10.24 -6.24 11.75
N GLN B 249 11.39 -6.80 11.43
CA GLN B 249 11.41 -7.92 10.50
C GLN B 249 11.52 -9.28 11.20
N HIS B 250 11.38 -9.28 12.53
CA HIS B 250 11.34 -10.53 13.26
C HIS B 250 9.86 -10.95 13.38
N LYS B 251 9.59 -12.23 13.13
CA LYS B 251 8.28 -12.82 13.34
C LYS B 251 7.57 -12.34 14.64
N PHE B 252 8.25 -12.53 15.76
CA PHE B 252 7.74 -12.14 17.08
C PHE B 252 8.53 -10.92 17.41
N ALA B 253 7.95 -9.83 17.79
CA ALA B 253 8.91 -8.67 18.04
C ALA B 253 8.46 -7.52 17.28
N SER B 254 8.22 -7.81 16.01
CA SER B 254 7.33 -7.01 15.20
C SER B 254 5.97 -6.89 15.93
N ASN B 255 5.47 -7.95 16.59
CA ASN B 255 4.25 -7.84 17.45
C ASN B 255 4.48 -6.80 18.54
N VAL B 256 5.72 -6.78 19.04
CA VAL B 256 6.08 -5.94 20.19
C VAL B 256 6.25 -4.45 19.80
N VAL B 257 7.07 -4.25 18.77
CA VAL B 257 7.24 -2.94 18.07
C VAL B 257 5.89 -2.35 17.75
N GLU B 258 5.02 -3.10 17.14
CA GLU B 258 3.68 -2.62 16.91
C GLU B 258 3.00 -2.03 18.16
N LYS B 259 3.14 -2.72 19.28
CA LYS B 259 2.48 -2.32 20.55
C LYS B 259 3.20 -1.13 21.19
N CYS B 260 4.53 -1.09 21.14
CA CYS B 260 5.24 0.10 21.54
C CYS B 260 4.59 1.28 20.88
N VAL B 261 4.52 1.22 19.54
CA VAL B 261 4.01 2.31 18.69
C VAL B 261 2.58 2.74 19.12
N THR B 262 1.78 1.78 19.52
CA THR B 262 0.41 2.02 19.87
C THR B 262 0.22 2.58 21.27
N HIS B 263 1.01 2.07 22.23
CA HIS B 263 0.79 2.36 23.66
C HIS B 263 1.83 3.33 24.20
N ALA B 264 2.83 3.65 23.38
CA ALA B 264 3.79 4.73 23.61
C ALA B 264 3.08 6.07 23.87
N THR B 265 3.72 6.92 24.70
CA THR B 265 3.32 8.33 24.79
C THR B 265 3.58 9.13 23.45
N ARG B 266 3.00 10.35 23.40
CA ARG B 266 3.19 11.31 22.30
C ARG B 266 4.61 11.42 21.90
N GLY B 267 5.47 11.78 22.85
CA GLY B 267 6.88 11.96 22.58
C GLY B 267 7.66 10.71 22.19
N GLU B 268 7.39 9.61 22.89
CA GLU B 268 8.03 8.32 22.56
C GLU B 268 7.66 7.88 21.13
N ARG B 269 6.38 7.93 20.83
CA ARG B 269 5.95 7.53 19.53
C ARG B 269 6.46 8.46 18.43
N THR B 270 6.41 9.79 18.63
CA THR B 270 6.99 10.67 17.59
C THR B 270 8.48 10.48 17.37
N GLY B 271 9.20 10.05 18.40
CA GLY B 271 10.62 9.71 18.25
C GLY B 271 10.80 8.32 17.65
N LEU B 272 9.78 7.50 17.82
CA LEU B 272 9.66 6.16 17.16
C LEU B 272 9.26 6.29 15.64
N ILE B 273 8.36 7.25 15.33
CA ILE B 273 7.96 7.61 13.94
C ILE B 273 9.21 8.14 13.25
N ASP B 274 9.92 9.06 13.91
CA ASP B 274 11.15 9.68 13.41
C ASP B 274 12.24 8.69 13.00
N GLU B 275 12.27 7.52 13.65
CA GLU B 275 13.25 6.48 13.32
C GLU B 275 13.01 5.94 11.91
N VAL B 276 11.72 5.86 11.56
CA VAL B 276 11.30 5.42 10.25
C VAL B 276 11.46 6.52 9.14
N CYS B 277 10.88 7.75 9.24
CA CYS B 277 11.42 8.93 8.42
C CYS B 277 12.91 8.98 8.91
N THR B 278 13.77 9.85 8.42
CA THR B 278 15.22 9.73 8.71
C THR B 278 15.93 8.55 8.02
N PHE B 279 15.42 7.33 8.18
CA PHE B 279 15.80 6.17 7.33
C PHE B 279 17.16 6.22 6.55
N ASN B 280 17.75 5.06 6.26
CA ASN B 280 18.85 4.95 5.27
C ASN B 280 18.34 4.33 3.96
N ASP B 281 19.17 3.50 3.34
CA ASP B 281 18.76 2.68 2.19
C ASP B 281 17.91 1.51 2.68
N ASN B 282 18.43 0.83 3.69
CA ASN B 282 17.76 -0.33 4.32
C ASN B 282 16.40 0.08 4.93
N ALA B 283 16.30 1.26 5.53
CA ALA B 283 15.03 1.67 6.15
C ALA B 283 13.88 1.88 5.15
N LEU B 284 14.10 2.71 4.12
CA LEU B 284 13.16 2.71 2.98
C LEU B 284 13.15 1.30 2.41
N HIS B 285 11.97 0.84 1.98
CA HIS B 285 11.84 -0.36 1.13
C HIS B 285 11.76 -1.68 1.87
N VAL B 286 12.87 -2.13 2.45
CA VAL B 286 12.93 -3.36 3.29
C VAL B 286 11.82 -3.42 4.37
N MET B 287 11.64 -2.31 5.08
CA MET B 287 10.60 -2.08 6.03
C MET B 287 9.23 -2.22 5.38
N MET B 288 9.10 -1.62 4.21
CA MET B 288 7.81 -1.57 3.55
C MET B 288 7.47 -2.84 2.78
N LYS B 289 8.52 -3.54 2.35
CA LYS B 289 8.44 -4.81 1.62
C LYS B 289 8.16 -6.01 2.53
N ASP B 290 8.86 -6.05 3.67
CA ASP B 290 8.87 -7.18 4.65
C ASP B 290 7.50 -7.62 5.10
N GLN B 291 7.18 -8.90 4.99
CA GLN B 291 5.84 -9.32 5.45
C GLN B 291 5.47 -8.88 6.91
N TYR B 292 6.46 -8.66 7.80
CA TYR B 292 6.21 -8.23 9.21
C TYR B 292 6.35 -6.72 9.40
N ALA B 293 7.42 -6.10 8.87
CA ALA B 293 7.74 -4.65 9.14
C ALA B 293 6.69 -3.69 8.60
N ASN B 294 5.99 -4.21 7.61
CA ASN B 294 4.89 -3.60 6.92
C ASN B 294 3.74 -3.23 7.84
N TYR B 295 3.31 -4.18 8.66
CA TYR B 295 2.19 -3.92 9.60
C TYR B 295 2.62 -2.89 10.66
N VAL B 296 3.92 -2.85 10.91
CA VAL B 296 4.53 -1.87 11.80
C VAL B 296 4.40 -0.43 11.23
N VAL B 297 4.74 -0.22 9.94
CA VAL B 297 4.64 1.10 9.27
C VAL B 297 3.20 1.55 9.29
N GLN B 298 2.32 0.58 9.02
CA GLN B 298 0.89 0.78 9.01
C GLN B 298 0.31 1.13 10.35
N LYS B 299 0.96 0.73 11.45
CA LYS B 299 0.53 1.20 12.78
C LYS B 299 1.06 2.61 13.00
N MET B 300 2.31 2.85 12.60
CA MET B 300 2.85 4.22 12.59
C MET B 300 1.94 5.21 11.85
N ILE B 301 1.53 4.83 10.64
CA ILE B 301 0.52 5.60 9.92
C ILE B 301 -0.65 5.87 10.83
N ASP B 302 -1.31 4.85 11.36
CA ASP B 302 -2.57 5.04 12.11
C ASP B 302 -2.52 5.98 13.29
N VAL B 303 -1.32 6.28 13.74
CA VAL B 303 -1.13 6.85 15.05
C VAL B 303 -0.45 8.27 14.99
N SER B 304 -0.25 8.83 13.78
CA SER B 304 0.58 10.07 13.60
C SER B 304 -0.14 11.43 13.69
N GLU B 305 0.38 12.42 12.93
CA GLU B 305 -0.12 13.82 12.76
C GLU B 305 1.04 14.53 12.01
N PRO B 306 0.90 15.81 11.48
CA PRO B 306 1.84 16.52 10.55
C PRO B 306 3.25 15.96 10.34
N THR B 307 3.61 14.93 11.13
CA THR B 307 4.74 14.04 10.86
C THR B 307 4.23 12.93 9.92
N GLN B 308 2.97 12.55 10.13
CA GLN B 308 2.14 11.81 9.19
C GLN B 308 2.31 12.28 7.74
N LEU B 309 2.30 13.62 7.56
CA LEU B 309 2.62 14.23 6.29
C LEU B 309 4.09 14.01 5.92
N LYS B 310 5.06 14.38 6.76
CA LYS B 310 6.47 14.10 6.41
C LYS B 310 6.79 12.62 6.21
N LYS B 311 5.93 11.80 6.77
CA LYS B 311 6.04 10.37 6.76
C LYS B 311 5.38 9.73 5.53
N LEU B 312 4.15 10.10 5.22
CA LEU B 312 3.57 9.60 3.97
C LEU B 312 4.14 10.35 2.77
N MET B 313 4.75 11.51 3.09
CA MET B 313 5.52 12.40 2.21
C MET B 313 6.77 11.69 1.76
N THR B 314 6.90 10.45 2.20
CA THR B 314 7.72 9.44 1.56
C THR B 314 6.84 8.22 1.16
N LYS B 315 6.66 8.03 -0.17
CA LYS B 315 5.95 6.85 -0.73
C LYS B 315 6.78 5.76 -1.43
N ILE B 316 6.99 4.69 -0.64
CA ILE B 316 7.34 3.30 -1.04
C ILE B 316 8.74 3.20 -1.62
#